data_6ETG
#
_entry.id   6ETG
#
_cell.length_a   71.854
_cell.length_b   71.854
_cell.length_c   151.531
_cell.angle_alpha   90.000
_cell.angle_beta   90.000
_cell.angle_gamma   90.000
#
_symmetry.space_group_name_H-M   'P 43 21 2'
#
loop_
_entity.id
_entity.type
_entity.pdbx_description
1 polymer 'Lysine-specific demethylase 4D'
2 non-polymer 'ZINC ION'
3 non-polymer 'NICKEL (II) ION'
4 non-polymer 1,2-ETHANEDIOL
5 non-polymer 'SULFATE ION'
6 non-polymer [[4-(2~{H}-1,2,3,4-tetrazol-5-yl)phenyl]carbonylamino]azanium
7 non-polymer 'SODIUM ION'
8 non-polymer 'CHLORIDE ION'
9 water water
#
_entity_poly.entity_id   1
_entity_poly.type   'polypeptide(L)'
_entity_poly.pdbx_seq_one_letter_code
;METMKSKANCAQNPNCNIMIFHPTKEEFNDFDKYIAYMESQGAHRAGLAKIIPPKEWKARETYDNISEILIATPLQQVAS
GRAGVFTQYHKKKKAMTVGEYRHLANSKKYQTPPHQNFEDLERKYWKNRIYNSPIYGADISGSLFDENTKQWNLGHLGTI
QDLLEKECGVVIEGVNTPYLYFGMWKTTFAWHTEDMDLYSINYLHLGEPKTWYVVPPEHGQRLERLARELFPGSSRGCGA
FLRHKVALISPTVLKENGIPFNRITQEAGEFMVTFPYGYHAGFNHGFNCAEAINFATPRWIDYGKMASQCSCGEARVTFS
MDAFVRILQPERYDLWKRGQDR
;
_entity_poly.pdbx_strand_id   A
#
# COMPACT_ATOMS: atom_id res chain seq x y z
N ALA A 11 -7.82 -12.73 -24.08
CA ALA A 11 -7.53 -12.30 -22.69
C ALA A 11 -7.31 -10.79 -22.64
N GLN A 12 -7.96 -10.13 -21.72
CA GLN A 12 -7.87 -8.69 -21.62
C GLN A 12 -6.58 -8.22 -20.95
N ASN A 13 -6.04 -7.16 -21.49
CA ASN A 13 -4.81 -6.56 -20.94
C ASN A 13 -3.63 -7.55 -20.83
N PRO A 14 -3.31 -8.23 -21.94
CA PRO A 14 -2.32 -9.29 -21.87
C PRO A 14 -0.94 -8.78 -21.56
N ASN A 15 -0.58 -7.53 -21.85
CA ASN A 15 0.71 -6.98 -21.49
C ASN A 15 0.74 -6.45 -20.05
N CYS A 16 -0.37 -6.54 -19.31
CA CYS A 16 -0.38 -6.20 -17.88
C CYS A 16 -0.09 -4.77 -17.66
N ASN A 17 -0.56 -3.88 -18.53
CA ASN A 17 -0.44 -2.38 -18.31
C ASN A 17 -1.30 -1.86 -17.21
N ILE A 18 -0.82 -0.86 -16.51
CA ILE A 18 -1.67 -0.13 -15.57
C ILE A 18 -2.77 0.62 -16.29
N MET A 19 -4.02 0.35 -16.00
CA MET A 19 -5.19 0.98 -16.60
C MET A 19 -5.65 2.10 -15.71
N ILE A 20 -6.21 3.11 -16.34
CA ILE A 20 -6.76 4.29 -15.73
C ILE A 20 -8.21 4.36 -16.08
N PHE A 21 -9.07 4.55 -15.08
CA PHE A 21 -10.52 4.59 -15.28
C PHE A 21 -11.11 5.92 -14.91
N HIS A 22 -12.14 6.31 -15.62
CA HIS A 22 -12.88 7.51 -15.44
C HIS A 22 -14.38 7.22 -15.26
N PRO A 23 -14.80 6.63 -14.13
CA PRO A 23 -16.23 6.32 -13.95
C PRO A 23 -17.06 7.59 -13.97
N THR A 24 -18.25 7.43 -14.51
CA THR A 24 -19.27 8.49 -14.37
C THR A 24 -19.82 8.46 -12.95
N LYS A 25 -20.60 9.51 -12.66
CA LYS A 25 -21.24 9.60 -11.33
C LYS A 25 -22.14 8.41 -11.04
N GLU A 26 -22.87 7.92 -12.06
CA GLU A 26 -23.69 6.75 -11.90
C GLU A 26 -22.84 5.50 -11.66
N GLU A 27 -21.76 5.34 -12.39
CA GLU A 27 -20.87 4.21 -12.23
C GLU A 27 -20.15 4.23 -10.91
N PHE A 28 -20.11 5.35 -10.20
CA PHE A 28 -19.42 5.56 -8.94
C PHE A 28 -20.29 5.15 -7.78
N ASN A 29 -21.51 4.74 -8.01
CA ASN A 29 -22.40 4.42 -6.88
C ASN A 29 -22.08 3.07 -6.25
N ASP A 30 -21.88 2.02 -7.06
CA ASP A 30 -21.74 0.67 -6.58
C ASP A 30 -20.27 0.26 -6.68
N PHE A 31 -19.59 0.35 -5.51
CA PHE A 31 -18.15 0.10 -5.41
C PHE A 31 -17.81 -1.26 -5.92
N ASP A 32 -18.47 -2.24 -5.37
CA ASP A 32 -18.14 -3.59 -5.74
CA ASP A 32 -18.10 -3.60 -5.72
C ASP A 32 -18.28 -4.01 -7.31
N LYS A 33 -19.36 -3.38 -7.82
CA LYS A 33 -19.64 -3.54 -9.21
C LYS A 33 -18.53 -2.96 -10.07
N TYR A 34 -18.00 -1.80 -9.70
CA TYR A 34 -16.95 -1.15 -10.47
C TYR A 34 -15.66 -1.93 -10.34
N ILE A 35 -15.30 -2.46 -9.19
CA ILE A 35 -14.09 -3.28 -9.09
C ILE A 35 -14.27 -4.44 -10.08
N ALA A 36 -15.40 -5.12 -10.08
CA ALA A 36 -15.61 -6.22 -10.99
C ALA A 36 -15.51 -5.78 -12.45
N TYR A 37 -16.05 -4.59 -12.78
CA TYR A 37 -15.94 -4.07 -14.11
C TYR A 37 -14.47 -3.86 -14.48
N MET A 38 -13.68 -3.27 -13.61
N MET A 38 -13.67 -3.28 -13.61
CA MET A 38 -12.27 -3.05 -13.89
CA MET A 38 -12.27 -3.06 -13.93
C MET A 38 -11.56 -4.38 -14.20
C MET A 38 -11.62 -4.42 -14.27
N GLU A 39 -11.91 -5.42 -13.43
CA GLU A 39 -11.31 -6.74 -13.67
C GLU A 39 -11.82 -7.34 -14.98
N SER A 40 -13.04 -7.07 -15.39
CA SER A 40 -13.50 -7.60 -16.67
C SER A 40 -12.69 -7.00 -17.81
N GLN A 41 -12.12 -5.82 -17.63
CA GLN A 41 -11.26 -5.20 -18.59
C GLN A 41 -9.83 -5.56 -18.45
N GLY A 42 -9.46 -6.44 -17.50
CA GLY A 42 -8.10 -6.91 -17.31
C GLY A 42 -7.28 -6.04 -16.40
N ALA A 43 -7.86 -5.14 -15.66
CA ALA A 43 -7.07 -4.23 -14.82
C ALA A 43 -6.18 -4.90 -13.81
N HIS A 44 -6.66 -5.96 -13.24
CA HIS A 44 -5.95 -6.71 -12.21
C HIS A 44 -4.64 -7.30 -12.66
N ARG A 45 -4.50 -7.53 -13.94
CA ARG A 45 -3.29 -8.12 -14.50
C ARG A 45 -2.06 -7.27 -14.22
N ALA A 46 -2.23 -5.97 -14.15
CA ALA A 46 -1.13 -5.08 -13.83
C ALA A 46 -0.74 -5.11 -12.35
N GLY A 47 -1.71 -5.46 -11.50
CA GLY A 47 -1.49 -5.35 -10.04
C GLY A 47 -1.98 -4.06 -9.42
N LEU A 48 -2.21 -3.04 -10.23
CA LEU A 48 -2.57 -1.71 -9.77
C LEU A 48 -3.42 -1.04 -10.82
N ALA A 49 -4.43 -0.25 -10.45
CA ALA A 49 -5.20 0.60 -11.35
C ALA A 49 -5.38 1.96 -10.70
N LYS A 50 -5.53 2.97 -11.56
CA LYS A 50 -5.87 4.32 -11.14
C LYS A 50 -7.35 4.56 -11.46
N ILE A 51 -8.07 5.20 -10.52
CA ILE A 51 -9.44 5.61 -10.72
C ILE A 51 -9.55 7.11 -10.42
N ILE A 52 -9.98 7.83 -11.42
CA ILE A 52 -10.14 9.26 -11.37
CA ILE A 52 -10.19 9.28 -11.34
C ILE A 52 -11.65 9.47 -11.08
N PRO A 53 -12.04 10.07 -9.96
CA PRO A 53 -13.46 10.25 -9.64
CA PRO A 53 -13.47 10.18 -9.69
C PRO A 53 -14.14 11.20 -10.62
N PRO A 54 -15.45 11.04 -10.85
CA PRO A 54 -16.14 12.02 -11.69
C PRO A 54 -16.04 13.43 -11.09
N LYS A 55 -16.26 14.39 -11.97
CA LYS A 55 -16.10 15.79 -11.59
C LYS A 55 -17.08 16.17 -10.52
N GLU A 56 -18.23 15.54 -10.47
CA GLU A 56 -19.28 15.89 -9.49
C GLU A 56 -18.91 15.50 -8.03
N TRP A 57 -17.85 14.69 -7.86
CA TRP A 57 -17.55 14.02 -6.59
C TRP A 57 -16.54 14.79 -5.78
N LYS A 58 -16.66 14.72 -4.48
CA LYS A 58 -15.67 15.26 -3.56
C LYS A 58 -15.54 14.40 -2.26
N ALA A 59 -14.35 14.24 -1.71
CA ALA A 59 -14.15 13.48 -0.50
C ALA A 59 -14.72 14.17 0.70
N ARG A 60 -14.47 15.47 0.83
CA ARG A 60 -14.90 16.29 2.00
C ARG A 60 -14.82 17.71 1.44
N GLU A 61 -15.40 18.63 2.19
CA GLU A 61 -15.44 20.01 1.78
C GLU A 61 -14.16 20.76 1.74
N THR A 62 -13.38 20.68 2.81
N THR A 62 -13.35 20.65 2.78
CA THR A 62 -12.07 21.30 2.86
CA THR A 62 -12.12 21.42 2.89
C THR A 62 -11.09 20.52 3.64
C THR A 62 -11.13 20.68 3.77
N TYR A 63 -9.83 20.86 3.52
CA TYR A 63 -8.80 20.26 4.35
C TYR A 63 -8.25 21.33 5.32
N ASP A 64 -9.05 22.37 5.58
CA ASP A 64 -8.55 23.49 6.34
C ASP A 64 -8.46 23.17 7.79
N ASN A 65 -9.02 22.10 8.28
CA ASN A 65 -9.12 21.91 9.71
C ASN A 65 -8.50 20.65 10.22
N ILE A 66 -7.45 20.20 9.57
CA ILE A 66 -6.80 18.91 9.87
C ILE A 66 -5.53 19.01 10.71
N SER A 67 -5.07 20.21 11.07
CA SER A 67 -3.76 20.41 11.64
CA SER A 67 -3.74 20.39 11.62
C SER A 67 -3.61 19.87 13.04
N GLU A 68 -4.70 19.61 13.72
CA GLU A 68 -4.69 19.15 15.08
C GLU A 68 -4.68 17.62 15.24
N ILE A 69 -4.80 16.88 14.16
CA ILE A 69 -4.63 15.43 14.18
C ILE A 69 -3.25 15.16 14.74
N LEU A 70 -3.19 14.16 15.62
CA LEU A 70 -1.91 13.77 16.21
C LEU A 70 -1.29 12.60 15.47
N ILE A 71 0.00 12.71 15.14
CA ILE A 71 0.86 11.62 14.66
C ILE A 71 1.60 11.13 15.93
N ALA A 72 1.07 10.11 16.59
CA ALA A 72 1.61 9.70 17.88
C ALA A 72 3.00 9.15 17.82
N THR A 73 3.35 8.53 16.71
CA THR A 73 4.72 7.95 16.60
C THR A 73 5.15 8.17 15.16
N PRO A 74 5.61 9.37 14.81
CA PRO A 74 6.31 9.53 13.49
C PRO A 74 7.53 8.59 13.42
N LEU A 75 7.83 8.19 12.19
CA LEU A 75 8.89 7.15 11.95
C LEU A 75 9.93 7.70 10.97
N GLN A 76 11.20 7.70 11.40
CA GLN A 76 12.28 8.13 10.53
C GLN A 76 12.78 6.93 9.78
N GLN A 77 12.86 7.01 8.46
CA GLN A 77 13.16 5.87 7.62
C GLN A 77 14.65 5.88 7.19
N VAL A 78 15.42 5.09 7.89
CA VAL A 78 16.88 5.12 7.77
C VAL A 78 17.32 3.97 6.85
N ALA A 79 18.07 4.27 5.79
CA ALA A 79 18.46 3.28 4.81
C ALA A 79 19.81 2.70 5.04
N SER A 80 20.02 1.47 4.61
N SER A 80 19.99 1.54 4.46
CA SER A 80 21.36 0.88 4.46
CA SER A 80 21.21 0.77 4.58
C SER A 80 21.44 0.18 3.15
C SER A 80 21.44 -0.04 3.28
N GLY A 81 22.60 0.15 2.57
CA GLY A 81 22.88 -0.60 1.42
C GLY A 81 23.45 0.30 0.41
N ARG A 82 23.07 0.02 -0.91
CA ARG A 82 23.45 0.91 -2.17
CA ARG A 82 23.38 0.88 -2.15
C ARG A 82 22.10 1.64 -2.71
N ALA A 83 22.38 2.58 -3.56
CA ALA A 83 21.31 3.50 -3.98
C ALA A 83 20.18 2.77 -4.59
N GLY A 84 20.38 1.67 -5.32
CA GLY A 84 19.33 0.94 -6.00
C GLY A 84 18.87 -0.33 -5.31
N VAL A 85 19.55 -0.74 -4.24
CA VAL A 85 19.29 -1.96 -3.51
C VAL A 85 19.57 -1.68 -2.04
N PHE A 86 18.50 -1.43 -1.26
CA PHE A 86 18.70 -1.02 0.12
C PHE A 86 17.53 -1.53 0.96
N THR A 87 17.78 -1.58 2.27
CA THR A 87 16.71 -1.77 3.24
C THR A 87 16.53 -0.48 4.03
N GLN A 88 15.39 -0.40 4.69
CA GLN A 88 15.16 0.72 5.59
C GLN A 88 14.59 0.22 6.88
N TYR A 89 14.94 0.89 7.96
CA TYR A 89 14.37 0.60 9.27
C TYR A 89 13.71 1.86 9.78
N HIS A 90 12.75 1.65 10.66
CA HIS A 90 11.93 2.76 11.15
CA HIS A 90 11.93 2.76 11.11
C HIS A 90 12.29 3.09 12.54
N LYS A 91 12.87 4.27 12.72
CA LYS A 91 13.22 4.82 14.02
C LYS A 91 12.10 5.68 14.61
N LYS A 92 11.65 5.40 15.83
CA LYS A 92 10.53 6.11 16.37
C LYS A 92 10.97 7.49 16.84
N LYS A 93 10.16 8.50 16.56
CA LYS A 93 10.37 9.89 16.93
C LYS A 93 9.25 10.32 17.91
N LYS A 94 9.41 11.46 18.50
CA LYS A 94 8.41 12.02 19.38
C LYS A 94 7.14 12.46 18.62
N ALA A 95 5.97 12.41 19.28
CA ALA A 95 4.73 12.75 18.69
C ALA A 95 4.74 14.15 18.18
N MET A 96 3.97 14.37 17.14
N MET A 96 4.09 14.37 17.04
CA MET A 96 3.74 15.71 16.68
CA MET A 96 3.90 15.68 16.40
C MET A 96 2.41 15.81 15.97
C MET A 96 2.40 15.79 16.02
N THR A 97 1.86 17.01 15.90
CA THR A 97 0.64 17.23 15.19
C THR A 97 0.87 17.23 13.68
N VAL A 98 -0.19 17.11 12.91
CA VAL A 98 -0.14 17.24 11.45
C VAL A 98 0.35 18.63 11.08
N GLY A 99 0.01 19.69 11.82
CA GLY A 99 0.49 21.02 11.51
C GLY A 99 1.96 21.13 11.67
N GLU A 100 2.45 20.51 12.76
CA GLU A 100 3.94 20.47 13.04
C GLU A 100 4.61 19.68 11.95
N TYR A 101 4.05 18.52 11.57
CA TYR A 101 4.70 17.64 10.59
C TYR A 101 4.73 18.35 9.22
N ARG A 102 3.71 19.08 8.85
CA ARG A 102 3.68 19.83 7.59
C ARG A 102 4.80 20.88 7.58
N HIS A 103 4.98 21.58 8.68
CA HIS A 103 6.04 22.55 8.79
C HIS A 103 7.40 21.86 8.62
N LEU A 104 7.56 20.71 9.24
CA LEU A 104 8.82 19.93 9.14
C LEU A 104 9.05 19.51 7.69
N ALA A 105 8.03 18.99 7.04
CA ALA A 105 8.17 18.54 5.61
C ALA A 105 8.61 19.66 4.73
N ASN A 106 8.17 20.90 5.03
CA ASN A 106 8.44 22.06 4.18
C ASN A 106 9.73 22.76 4.56
N SER A 107 10.42 22.30 5.63
CA SER A 107 11.70 22.90 6.09
C SER A 107 12.78 22.65 5.05
N LYS A 108 13.86 23.44 5.10
CA LYS A 108 14.95 23.25 4.15
CA LYS A 108 14.95 23.25 4.17
C LYS A 108 15.50 21.81 4.19
N LYS A 109 15.60 21.21 5.35
CA LYS A 109 16.18 19.89 5.49
C LYS A 109 15.38 18.87 4.72
N TYR A 110 14.06 18.98 4.72
CA TYR A 110 13.19 17.95 4.15
C TYR A 110 12.41 18.27 2.90
N GLN A 111 12.39 19.51 2.47
CA GLN A 111 11.51 19.89 1.36
CA GLN A 111 11.55 19.92 1.36
C GLN A 111 11.98 19.34 0.03
N THR A 112 11.06 19.09 -0.86
CA THR A 112 11.33 18.63 -2.22
C THR A 112 12.28 19.57 -2.93
N PRO A 113 13.30 19.07 -3.60
CA PRO A 113 14.15 19.98 -4.35
C PRO A 113 13.50 20.53 -5.54
N PRO A 114 14.03 21.59 -6.12
CA PRO A 114 13.59 22.07 -7.44
C PRO A 114 13.75 20.95 -8.48
N HIS A 115 12.78 20.80 -9.39
CA HIS A 115 12.84 19.72 -10.39
C HIS A 115 12.04 20.08 -11.61
N GLN A 116 12.30 19.44 -12.75
CA GLN A 116 11.63 19.87 -13.98
C GLN A 116 10.26 19.24 -14.13
N ASN A 117 10.10 17.99 -13.74
CA ASN A 117 8.90 17.15 -14.00
C ASN A 117 9.03 15.93 -13.11
N PHE A 118 8.03 15.04 -13.17
CA PHE A 118 8.02 13.83 -12.36
C PHE A 118 9.19 12.89 -12.66
N GLU A 119 9.63 12.79 -13.91
CA GLU A 119 10.77 11.93 -14.24
CA GLU A 119 10.77 11.94 -14.28
C GLU A 119 12.09 12.46 -13.66
N ASP A 120 12.25 13.75 -13.65
CA ASP A 120 13.49 14.37 -13.09
C ASP A 120 13.47 14.10 -11.55
N LEU A 121 12.33 14.24 -10.91
CA LEU A 121 12.22 13.97 -9.48
C LEU A 121 12.50 12.50 -9.18
N GLU A 122 11.99 11.62 -10.01
CA GLU A 122 12.22 10.18 -9.87
C GLU A 122 13.71 9.87 -9.92
N ARG A 123 14.36 10.49 -10.88
CA ARG A 123 15.80 10.32 -10.98
CA ARG A 123 15.79 10.31 -10.97
C ARG A 123 16.68 10.75 -9.68
N LYS A 124 16.17 11.89 -9.18
CA LYS A 124 16.74 12.42 -7.96
C LYS A 124 16.45 11.50 -6.75
N TYR A 125 15.24 10.99 -6.67
CA TYR A 125 14.87 10.03 -5.62
C TYR A 125 15.83 8.85 -5.62
N TRP A 126 15.96 8.16 -6.75
CA TRP A 126 16.77 6.94 -6.80
C TRP A 126 18.22 7.25 -6.61
N LYS A 127 18.70 8.41 -7.01
CA LYS A 127 20.10 8.76 -6.85
C LYS A 127 20.40 9.01 -5.40
N ASN A 128 19.51 9.72 -4.71
CA ASN A 128 19.83 10.34 -3.41
C ASN A 128 19.07 9.81 -2.20
N ARG A 129 18.09 8.96 -2.38
CA ARG A 129 17.25 8.57 -1.22
C ARG A 129 18.09 8.09 -0.05
N ILE A 130 19.07 7.24 -0.25
CA ILE A 130 19.74 6.56 0.83
C ILE A 130 20.51 7.53 1.73
N TYR A 131 20.81 8.72 1.24
CA TYR A 131 21.65 9.65 1.95
C TYR A 131 20.85 10.53 2.82
N ASN A 132 19.53 10.34 2.93
CA ASN A 132 18.65 11.13 3.78
C ASN A 132 17.72 10.19 4.53
N SER A 133 17.13 10.68 5.60
CA SER A 133 16.23 9.87 6.40
C SER A 133 14.95 10.62 6.66
N PRO A 134 13.98 10.55 5.74
CA PRO A 134 12.73 11.28 5.85
C PRO A 134 11.87 10.70 7.00
N ILE A 135 10.90 11.51 7.45
CA ILE A 135 10.01 11.12 8.54
C ILE A 135 8.61 11.02 8.02
N TYR A 136 7.95 9.98 8.41
CA TYR A 136 6.49 10.00 8.00
CA TYR A 136 6.62 9.50 7.80
C TYR A 136 5.54 9.34 9.09
N GLY A 137 4.32 9.70 8.85
N GLY A 137 4.31 9.75 9.05
CA GLY A 137 3.18 9.30 9.69
CA GLY A 137 3.38 9.21 10.00
C GLY A 137 2.54 8.08 9.15
C GLY A 137 2.52 8.21 9.34
N ALA A 138 2.48 6.96 9.84
CA ALA A 138 1.89 5.81 9.17
C ALA A 138 0.85 5.11 10.02
N ASP A 139 -0.10 4.50 9.34
CA ASP A 139 -0.97 3.58 9.99
C ASP A 139 -1.68 4.27 11.11
N ILE A 140 -2.21 5.51 10.93
CA ILE A 140 -2.96 6.23 11.94
C ILE A 140 -4.42 5.93 11.74
N SER A 141 -5.08 5.16 12.64
N SER A 141 -5.01 5.32 12.74
CA SER A 141 -6.48 4.79 12.43
CA SER A 141 -6.39 5.01 12.63
C SER A 141 -7.28 6.07 12.43
C SER A 141 -7.26 6.26 12.43
N GLY A 142 -8.10 6.24 11.39
CA GLY A 142 -8.96 7.39 11.20
C GLY A 142 -9.35 7.53 9.75
N SER A 143 -10.18 8.58 9.50
CA SER A 143 -10.68 8.85 8.14
C SER A 143 -10.89 10.36 7.97
N LEU A 144 -10.63 10.81 6.74
CA LEU A 144 -10.94 12.18 6.32
C LEU A 144 -12.11 12.27 5.36
N PHE A 145 -12.81 11.17 5.07
CA PHE A 145 -14.00 11.32 4.18
C PHE A 145 -15.07 11.91 5.04
N ASP A 146 -15.85 12.78 4.49
CA ASP A 146 -17.06 13.32 5.16
C ASP A 146 -18.07 12.17 5.22
N GLU A 147 -18.80 12.09 6.31
CA GLU A 147 -19.84 11.09 6.51
C GLU A 147 -20.88 11.17 5.41
N ASN A 148 -21.08 12.32 4.81
CA ASN A 148 -22.05 12.50 3.75
C ASN A 148 -21.59 12.08 2.37
N THR A 149 -20.33 11.72 2.24
CA THR A 149 -19.83 11.25 0.96
C THR A 149 -20.22 9.78 0.88
N LYS A 150 -21.15 9.49 -0.02
CA LYS A 150 -21.68 8.15 -0.13
C LYS A 150 -20.96 7.27 -1.10
N GLN A 151 -20.19 7.82 -2.02
CA GLN A 151 -19.51 7.06 -3.10
C GLN A 151 -18.05 6.98 -2.75
N TRP A 152 -17.50 5.77 -2.80
CA TRP A 152 -16.07 5.53 -2.62
C TRP A 152 -15.51 6.11 -1.30
N ASN A 153 -16.34 6.04 -0.26
CA ASN A 153 -15.93 6.45 1.08
C ASN A 153 -15.24 5.26 1.71
N LEU A 154 -13.93 5.36 1.96
CA LEU A 154 -13.09 4.24 2.39
C LEU A 154 -13.44 3.74 3.75
N GLY A 155 -14.23 4.44 4.53
CA GLY A 155 -14.78 3.98 5.79
C GLY A 155 -16.06 3.20 5.68
N HIS A 156 -16.65 3.06 4.49
CA HIS A 156 -17.94 2.43 4.32
C HIS A 156 -17.94 1.36 3.24
N LEU A 157 -16.81 0.76 3.04
N LEU A 157 -16.83 0.68 2.97
CA LEU A 157 -16.79 -0.38 2.22
CA LEU A 157 -16.80 -0.41 1.95
C LEU A 157 -17.41 -1.50 3.09
C LEU A 157 -17.29 -1.73 2.63
N GLY A 158 -17.84 -2.51 2.37
N GLY A 158 -17.67 -2.71 1.88
CA GLY A 158 -18.12 -3.74 3.03
CA GLY A 158 -17.93 -3.98 2.49
C GLY A 158 -16.85 -4.23 3.60
C GLY A 158 -16.80 -4.52 3.34
N THR A 159 -17.02 -5.05 4.56
CA THR A 159 -15.86 -5.49 5.38
C THR A 159 -15.35 -6.86 4.90
N ILE A 160 -14.08 -7.14 5.17
CA ILE A 160 -13.48 -8.41 4.79
C ILE A 160 -14.19 -9.55 5.57
N GLN A 161 -14.50 -9.31 6.86
CA GLN A 161 -15.16 -10.33 7.65
C GLN A 161 -16.52 -10.63 7.06
N ASP A 162 -17.25 -9.61 6.57
CA ASP A 162 -18.53 -9.95 5.96
C ASP A 162 -18.34 -10.70 4.64
N LEU A 163 -17.31 -10.38 3.89
CA LEU A 163 -17.04 -11.08 2.67
C LEU A 163 -16.77 -12.53 2.95
N LEU A 164 -15.88 -12.84 3.92
CA LEU A 164 -15.66 -14.26 4.23
CA LEU A 164 -15.56 -14.23 4.25
C LEU A 164 -16.86 -14.98 4.70
N GLU A 165 -17.69 -14.29 5.52
CA GLU A 165 -18.94 -14.92 5.92
C GLU A 165 -19.88 -15.19 4.75
N LYS A 166 -19.99 -14.24 3.80
CA LYS A 166 -20.85 -14.47 2.66
C LYS A 166 -20.34 -15.55 1.72
N GLU A 167 -19.03 -15.65 1.57
CA GLU A 167 -18.44 -16.68 0.69
C GLU A 167 -18.32 -18.06 1.31
N CYS A 168 -17.97 -18.11 2.59
CA CYS A 168 -17.63 -19.37 3.20
C CYS A 168 -18.58 -19.83 4.27
N GLY A 169 -19.60 -18.98 4.51
N GLY A 169 -19.38 -18.94 4.89
CA GLY A 169 -20.65 -19.26 5.45
CA GLY A 169 -20.45 -19.37 5.76
C GLY A 169 -19.96 -19.30 6.75
C GLY A 169 -20.33 -19.09 7.28
N VAL A 170 -18.89 -18.61 7.00
N VAL A 170 -19.20 -18.69 7.77
CA VAL A 170 -18.36 -18.62 8.32
CA VAL A 170 -19.05 -18.57 9.17
C VAL A 170 -18.32 -17.24 8.96
C VAL A 170 -18.64 -17.18 9.59
N VAL A 171 -18.56 -17.27 10.19
N VAL A 171 -19.19 -16.69 10.70
CA VAL A 171 -18.72 -16.06 10.99
CA VAL A 171 -18.85 -15.45 11.27
C VAL A 171 -17.48 -15.77 11.89
C VAL A 171 -17.54 -15.66 11.85
N ILE A 172 -16.83 -14.58 11.76
CA ILE A 172 -15.54 -14.36 12.49
C ILE A 172 -15.48 -13.03 13.13
N GLU A 173 -14.71 -12.99 14.21
CA GLU A 173 -14.43 -11.71 14.87
C GLU A 173 -13.60 -10.78 13.93
N GLY A 174 -13.50 -9.53 14.27
CA GLY A 174 -12.61 -8.59 13.67
C GLY A 174 -13.35 -7.45 13.03
N VAL A 175 -12.63 -6.38 12.85
CA VAL A 175 -13.10 -5.17 12.21
C VAL A 175 -12.06 -4.72 11.20
N ASN A 176 -12.48 -3.88 10.38
CA ASN A 176 -11.65 -3.52 9.18
CA ASN A 176 -11.33 -3.25 9.62
C ASN A 176 -11.85 -1.85 8.97
N THR A 177 -10.95 -1.01 9.53
CA THR A 177 -11.19 0.43 9.43
C THR A 177 -10.01 1.11 8.70
N PRO A 178 -10.21 2.32 8.18
CA PRO A 178 -9.16 2.93 7.37
C PRO A 178 -8.07 3.46 8.23
N TYR A 179 -6.98 3.76 7.53
CA TYR A 179 -5.78 4.41 8.07
C TYR A 179 -5.37 5.64 7.27
N LEU A 180 -4.84 6.61 7.99
CA LEU A 180 -4.24 7.81 7.43
C LEU A 180 -2.72 7.72 7.47
N TYR A 181 -2.14 8.35 6.46
CA TYR A 181 -0.72 8.44 6.21
C TYR A 181 -0.35 9.85 5.91
N PHE A 182 0.71 10.33 6.55
CA PHE A 182 1.26 11.67 6.22
C PHE A 182 2.67 11.46 5.76
N GLY A 183 2.97 11.96 4.57
CA GLY A 183 4.23 11.75 3.89
C GLY A 183 4.98 13.03 3.65
N MET A 184 6.26 12.90 3.30
CA MET A 184 7.08 14.01 2.85
C MET A 184 7.95 13.50 1.74
N TRP A 185 8.75 14.41 1.16
CA TRP A 185 9.70 14.04 0.10
C TRP A 185 10.53 12.89 0.58
N LYS A 186 10.65 11.90 -0.28
CA LYS A 186 11.49 10.70 -0.06
C LYS A 186 10.87 9.66 0.86
N THR A 187 9.75 9.92 1.52
CA THR A 187 9.15 8.82 2.34
CA THR A 187 9.10 8.86 2.31
C THR A 187 8.82 7.68 1.35
N THR A 188 9.10 6.48 1.82
CA THR A 188 9.25 5.29 0.97
C THR A 188 8.43 4.15 1.47
N PHE A 189 7.71 3.49 0.55
CA PHE A 189 6.98 2.26 0.84
C PHE A 189 7.77 1.13 0.17
N ALA A 190 8.25 0.18 0.96
CA ALA A 190 9.01 -0.97 0.50
C ALA A 190 8.15 -1.94 -0.30
N TRP A 191 8.85 -2.78 -1.06
CA TRP A 191 8.15 -3.80 -1.84
C TRP A 191 7.34 -4.75 -0.99
N HIS A 192 6.07 -4.91 -1.34
CA HIS A 192 5.21 -5.76 -0.56
C HIS A 192 3.95 -6.11 -1.34
N THR A 193 3.30 -7.22 -0.94
CA THR A 193 1.87 -7.41 -1.19
C THR A 193 1.10 -7.16 0.11
N GLU A 194 -0.19 -7.03 0.06
CA GLU A 194 -0.97 -6.80 1.27
C GLU A 194 -0.99 -8.03 2.16
N ASP A 195 -1.39 -7.84 3.41
CA ASP A 195 -1.57 -8.93 4.35
C ASP A 195 -2.55 -9.90 3.69
N MET A 196 -2.22 -11.17 3.74
CA MET A 196 -3.10 -12.19 3.20
CA MET A 196 -3.11 -12.22 3.21
C MET A 196 -3.46 -12.10 1.60
N ASP A 197 -2.57 -11.27 1.00
CA ASP A 197 -2.73 -10.91 -0.42
C ASP A 197 -4.07 -10.27 -0.73
N LEU A 198 -4.56 -9.48 0.21
CA LEU A 198 -5.78 -8.69 0.01
C LEU A 198 -5.59 -7.63 -1.06
N TYR A 199 -6.75 -7.08 -1.50
CA TYR A 199 -6.73 -5.81 -2.25
C TYR A 199 -6.35 -4.67 -1.28
N SER A 200 -5.94 -3.55 -1.85
CA SER A 200 -5.95 -2.30 -1.11
C SER A 200 -6.49 -1.21 -1.98
N ILE A 201 -6.97 -0.15 -1.32
CA ILE A 201 -7.32 1.09 -2.02
C ILE A 201 -6.76 2.24 -1.25
N ASN A 202 -6.26 3.24 -1.98
CA ASN A 202 -5.56 4.39 -1.44
C ASN A 202 -6.08 5.63 -2.11
N TYR A 203 -6.52 6.59 -1.31
CA TYR A 203 -6.96 7.88 -1.79
C TYR A 203 -5.97 8.93 -1.37
N LEU A 204 -5.44 9.74 -2.34
CA LEU A 204 -4.52 10.82 -2.00
CA LEU A 204 -4.54 10.83 -2.00
C LEU A 204 -5.39 12.07 -1.73
N HIS A 205 -5.60 12.37 -0.47
CA HIS A 205 -6.48 13.47 -0.08
C HIS A 205 -5.93 14.86 -0.46
N LEU A 206 -4.63 15.04 -0.24
N LEU A 206 -4.65 15.07 -0.23
CA LEU A 206 -4.08 16.42 -0.11
CA LEU A 206 -4.13 16.42 -0.43
C LEU A 206 -2.58 16.38 -0.44
C LEU A 206 -2.62 16.30 -0.62
N GLY A 207 -2.04 17.35 -1.17
CA GLY A 207 -0.62 17.56 -1.29
C GLY A 207 0.00 16.98 -2.49
N GLU A 208 1.27 16.71 -2.36
CA GLU A 208 2.14 16.28 -3.44
C GLU A 208 1.96 14.86 -3.89
N PRO A 209 2.45 14.51 -5.08
CA PRO A 209 2.10 13.18 -5.58
C PRO A 209 2.82 12.00 -4.85
N LYS A 210 2.42 10.79 -5.27
CA LYS A 210 3.05 9.55 -4.84
C LYS A 210 3.32 8.74 -6.14
N THR A 211 4.58 8.30 -6.30
CA THR A 211 4.93 7.44 -7.41
C THR A 211 4.91 6.01 -6.95
N TRP A 212 4.27 5.14 -7.77
CA TRP A 212 4.13 3.72 -7.51
C TRP A 212 4.85 2.90 -8.57
N TYR A 213 5.41 1.80 -8.10
CA TYR A 213 5.93 0.73 -8.98
C TYR A 213 5.14 -0.53 -8.65
N VAL A 214 4.88 -1.39 -9.63
CA VAL A 214 4.06 -2.60 -9.43
C VAL A 214 4.50 -3.73 -10.34
N VAL A 215 4.52 -4.93 -9.81
CA VAL A 215 4.80 -6.12 -10.57
C VAL A 215 3.49 -6.84 -10.78
N PRO A 216 3.18 -7.30 -12.05
CA PRO A 216 1.93 -8.08 -12.29
C PRO A 216 1.86 -9.23 -11.37
N PRO A 217 0.68 -9.56 -10.83
CA PRO A 217 0.51 -10.71 -9.96
C PRO A 217 1.06 -11.99 -10.59
N GLU A 218 0.89 -12.21 -11.87
CA GLU A 218 1.36 -13.42 -12.51
C GLU A 218 2.88 -13.56 -12.47
N HIS A 219 3.59 -12.48 -12.25
CA HIS A 219 5.02 -12.46 -12.18
C HIS A 219 5.60 -12.20 -10.81
N GLY A 220 4.78 -12.24 -9.75
CA GLY A 220 5.29 -11.91 -8.43
C GLY A 220 6.42 -12.80 -7.98
N GLN A 221 6.42 -14.07 -8.34
N GLN A 221 6.43 -14.08 -8.34
CA GLN A 221 7.51 -14.97 -7.92
CA GLN A 221 7.52 -14.98 -7.90
C GLN A 221 8.81 -14.52 -8.45
C GLN A 221 8.84 -14.61 -8.52
N ARG A 222 8.84 -13.88 -9.63
CA ARG A 222 10.12 -13.39 -10.24
C ARG A 222 10.68 -12.33 -9.34
N LEU A 223 9.86 -11.43 -8.80
CA LEU A 223 10.36 -10.46 -7.89
C LEU A 223 10.88 -11.11 -6.57
N GLU A 224 10.15 -12.09 -6.07
CA GLU A 224 10.59 -12.81 -4.90
C GLU A 224 11.94 -13.43 -5.07
N ARG A 225 12.17 -14.06 -6.23
CA ARG A 225 13.45 -14.71 -6.53
CA ARG A 225 13.48 -14.69 -6.50
C ARG A 225 14.58 -13.69 -6.51
N LEU A 226 14.36 -12.56 -7.20
CA LEU A 226 15.38 -11.51 -7.23
C LEU A 226 15.67 -11.00 -5.83
N ALA A 227 14.62 -10.75 -5.04
CA ALA A 227 14.81 -10.27 -3.69
C ALA A 227 15.63 -11.22 -2.87
N ARG A 228 15.43 -12.53 -3.01
CA ARG A 228 16.26 -13.48 -2.29
CA ARG A 228 16.25 -13.46 -2.25
C ARG A 228 17.71 -13.39 -2.64
N GLU A 229 17.98 -13.19 -3.90
CA GLU A 229 19.34 -12.98 -4.39
C GLU A 229 20.01 -11.70 -3.89
N LEU A 230 19.24 -10.63 -3.85
CA LEU A 230 19.75 -9.32 -3.48
C LEU A 230 19.84 -9.10 -2.00
N PHE A 231 19.09 -9.80 -1.20
CA PHE A 231 19.09 -9.65 0.26
C PHE A 231 19.30 -11.04 0.87
N PRO A 232 20.52 -11.55 0.72
CA PRO A 232 20.65 -12.96 1.02
C PRO A 232 20.56 -13.25 2.53
N GLY A 233 21.11 -12.44 3.41
CA GLY A 233 20.94 -12.68 4.85
C GLY A 233 19.45 -12.61 5.28
N SER A 234 18.72 -11.64 4.74
CA SER A 234 17.26 -11.55 5.04
C SER A 234 16.51 -12.83 4.67
N SER A 235 16.80 -13.32 3.51
CA SER A 235 16.13 -14.44 2.99
C SER A 235 16.36 -15.68 3.82
N ARG A 236 17.56 -15.86 4.31
CA ARG A 236 17.89 -17.00 5.17
C ARG A 236 17.07 -16.93 6.44
N GLY A 237 16.88 -15.75 6.92
CA GLY A 237 16.13 -15.51 8.11
C GLY A 237 14.66 -15.79 8.03
N CYS A 238 14.08 -15.62 6.85
CA CYS A 238 12.62 -15.73 6.72
C CYS A 238 12.32 -16.01 5.27
N GLY A 239 11.58 -17.10 5.03
CA GLY A 239 11.15 -17.49 3.70
C GLY A 239 10.09 -16.60 3.06
N ALA A 240 9.56 -15.64 3.82
CA ALA A 240 8.62 -14.60 3.33
C ALA A 240 9.11 -13.19 3.77
N PHE A 241 10.39 -12.88 3.69
CA PHE A 241 10.90 -11.65 4.23
C PHE A 241 10.37 -10.40 3.61
N LEU A 242 9.81 -10.48 2.42
CA LEU A 242 9.23 -9.25 1.87
C LEU A 242 8.04 -8.85 2.71
N ARG A 243 7.41 -9.75 3.48
CA ARG A 243 6.37 -9.53 4.52
CA ARG A 243 6.36 -9.29 4.39
C ARG A 243 6.87 -8.51 5.56
N HIS A 244 8.18 -8.34 5.66
CA HIS A 244 8.70 -7.41 6.69
C HIS A 244 8.63 -5.98 6.21
N LYS A 245 8.39 -5.79 4.92
CA LYS A 245 8.22 -4.47 4.36
C LYS A 245 9.37 -3.51 4.62
N VAL A 246 10.57 -3.98 4.33
CA VAL A 246 11.79 -3.19 4.50
C VAL A 246 12.72 -3.11 3.27
N ALA A 247 12.46 -3.81 2.18
CA ALA A 247 13.39 -3.93 1.06
C ALA A 247 12.96 -3.07 -0.14
N LEU A 248 13.93 -2.36 -0.68
CA LEU A 248 13.78 -1.53 -1.88
C LEU A 248 14.76 -1.98 -2.96
N ILE A 249 14.18 -2.01 -4.18
CA ILE A 249 14.93 -2.35 -5.42
C ILE A 249 14.46 -1.34 -6.42
N SER A 250 15.38 -0.65 -7.07
CA SER A 250 15.06 0.42 -8.01
C SER A 250 14.55 -0.07 -9.34
N PRO A 251 13.90 0.76 -10.13
CA PRO A 251 13.44 0.37 -11.45
C PRO A 251 14.64 -0.01 -12.33
N THR A 252 15.77 0.68 -12.17
CA THR A 252 16.97 0.33 -12.98
C THR A 252 17.38 -1.12 -12.72
N VAL A 253 17.44 -1.49 -11.42
CA VAL A 253 17.83 -2.83 -11.05
C VAL A 253 16.78 -3.86 -11.50
N LEU A 254 15.52 -3.52 -11.43
CA LEU A 254 14.52 -4.46 -11.91
C LEU A 254 14.66 -4.71 -13.41
N LYS A 255 14.86 -3.62 -14.10
CA LYS A 255 15.09 -3.75 -15.60
CA LYS A 255 15.10 -3.70 -15.54
C LYS A 255 16.39 -4.60 -16.05
N GLU A 256 17.41 -4.39 -15.26
CA GLU A 256 18.65 -5.12 -15.42
C GLU A 256 18.43 -6.57 -15.24
N ASN A 257 17.53 -6.94 -14.35
CA ASN A 257 17.23 -8.34 -14.01
C ASN A 257 16.01 -8.87 -14.75
N GLY A 258 15.45 -8.13 -15.68
CA GLY A 258 14.39 -8.65 -16.49
C GLY A 258 13.07 -8.78 -15.75
N ILE A 259 12.84 -8.09 -14.63
CA ILE A 259 11.62 -8.24 -13.87
C ILE A 259 10.54 -7.40 -14.54
N PRO A 260 9.40 -7.97 -14.86
CA PRO A 260 8.39 -7.11 -15.47
CA PRO A 260 8.26 -7.21 -15.43
C PRO A 260 7.72 -6.22 -14.38
N PHE A 261 7.57 -4.94 -14.73
CA PHE A 261 6.98 -4.02 -13.80
C PHE A 261 6.43 -2.83 -14.56
N ASN A 262 5.63 -1.99 -13.90
CA ASN A 262 5.16 -0.74 -14.40
C ASN A 262 5.23 0.32 -13.33
N ARG A 263 5.11 1.57 -13.74
CA ARG A 263 5.14 2.70 -12.84
C ARG A 263 4.06 3.68 -13.18
N ILE A 264 3.59 4.45 -12.20
CA ILE A 264 2.61 5.49 -12.41
C ILE A 264 2.68 6.46 -11.27
N THR A 265 2.31 7.70 -11.48
CA THR A 265 2.25 8.70 -10.42
C THR A 265 0.83 9.05 -10.13
N GLN A 266 0.43 8.96 -8.86
CA GLN A 266 -0.90 9.33 -8.31
C GLN A 266 -0.86 10.77 -7.83
N GLU A 267 -1.85 11.56 -8.20
CA GLU A 267 -1.98 12.93 -7.76
C GLU A 267 -3.15 13.10 -6.80
N ALA A 268 -3.16 14.21 -6.11
CA ALA A 268 -4.23 14.47 -5.16
C ALA A 268 -5.58 14.39 -5.87
N GLY A 269 -6.53 13.74 -5.22
CA GLY A 269 -7.85 13.52 -5.74
C GLY A 269 -8.05 12.25 -6.55
N GLU A 270 -7.03 11.37 -6.59
CA GLU A 270 -7.08 10.13 -7.31
C GLU A 270 -6.97 8.93 -6.37
N PHE A 271 -7.69 7.86 -6.75
CA PHE A 271 -7.64 6.58 -6.07
C PHE A 271 -6.69 5.68 -6.84
N MET A 272 -6.00 4.85 -6.09
CA MET A 272 -5.27 3.68 -6.61
C MET A 272 -5.80 2.41 -5.95
N VAL A 273 -6.04 1.36 -6.73
CA VAL A 273 -6.41 0.05 -6.18
C VAL A 273 -5.25 -0.90 -6.50
N THR A 274 -4.80 -1.63 -5.49
CA THR A 274 -3.90 -2.73 -5.68
C THR A 274 -4.67 -4.00 -5.62
N PHE A 275 -4.31 -4.96 -6.45
CA PHE A 275 -5.00 -6.24 -6.61
C PHE A 275 -4.26 -7.33 -5.89
N PRO A 276 -4.94 -8.44 -5.57
CA PRO A 276 -4.33 -9.55 -4.82
C PRO A 276 -2.99 -9.96 -5.45
N TYR A 277 -1.94 -10.04 -4.63
CA TYR A 277 -0.65 -10.55 -4.99
C TYR A 277 0.03 -9.60 -5.97
N GLY A 278 -0.35 -8.32 -6.05
CA GLY A 278 0.36 -7.32 -6.81
C GLY A 278 1.40 -6.64 -5.97
N TYR A 279 2.66 -7.00 -6.12
CA TYR A 279 3.75 -6.36 -5.36
C TYR A 279 3.86 -4.92 -5.80
N HIS A 280 4.04 -4.02 -4.82
CA HIS A 280 4.17 -2.61 -5.09
C HIS A 280 5.14 -1.95 -4.13
N ALA A 281 5.64 -0.80 -4.53
CA ALA A 281 6.59 0.00 -3.74
C ALA A 281 6.48 1.42 -4.27
N GLY A 282 7.06 2.39 -3.60
CA GLY A 282 7.08 3.72 -4.19
C GLY A 282 7.51 4.78 -3.20
N PHE A 283 7.26 6.03 -3.57
CA PHE A 283 7.73 7.15 -2.77
C PHE A 283 6.84 8.37 -2.94
N ASN A 284 6.92 9.25 -1.98
CA ASN A 284 6.18 10.52 -1.96
C ASN A 284 7.05 11.66 -2.42
N HIS A 285 6.41 12.57 -3.14
CA HIS A 285 7.09 13.72 -3.76
C HIS A 285 7.28 14.87 -2.79
N GLY A 286 6.51 14.99 -1.70
CA GLY A 286 6.51 16.13 -0.88
C GLY A 286 5.42 15.87 0.12
N PHE A 287 5.07 16.88 0.94
CA PHE A 287 4.06 16.75 1.95
C PHE A 287 2.76 16.30 1.32
N ASN A 288 2.18 15.25 1.90
CA ASN A 288 0.88 14.76 1.50
C ASN A 288 0.19 14.01 2.60
N CYS A 289 -1.11 13.72 2.35
CA CYS A 289 -1.96 12.93 3.22
C CYS A 289 -2.75 12.01 2.34
N ALA A 290 -2.69 10.73 2.69
CA ALA A 290 -3.45 9.65 2.01
C ALA A 290 -4.23 8.86 3.05
N GLU A 291 -5.23 8.16 2.57
CA GLU A 291 -6.05 7.26 3.37
C GLU A 291 -6.11 5.93 2.62
N ALA A 292 -6.01 4.84 3.34
CA ALA A 292 -6.01 3.56 2.68
C ALA A 292 -6.68 2.52 3.60
N ILE A 293 -7.15 1.44 2.93
CA ILE A 293 -7.72 0.30 3.63
C ILE A 293 -7.55 -0.93 2.72
N ASN A 294 -7.52 -2.10 3.35
CA ASN A 294 -7.59 -3.35 2.62
C ASN A 294 -9.05 -3.78 2.42
N PHE A 295 -9.32 -4.52 1.37
CA PHE A 295 -10.64 -5.06 1.15
C PHE A 295 -10.53 -6.37 0.38
N ALA A 296 -11.67 -7.08 0.34
CA ALA A 296 -11.80 -8.35 -0.35
C ALA A 296 -12.96 -8.35 -1.29
N THR A 297 -12.90 -9.27 -2.25
CA THR A 297 -13.98 -9.65 -3.15
C THR A 297 -14.06 -11.14 -3.19
N PRO A 298 -15.03 -11.75 -3.86
CA PRO A 298 -15.02 -13.20 -3.99
C PRO A 298 -13.73 -13.75 -4.63
N ARG A 299 -13.17 -13.03 -5.59
CA ARG A 299 -12.01 -13.46 -6.31
C ARG A 299 -10.76 -13.49 -5.37
N TRP A 300 -10.75 -12.74 -4.29
CA TRP A 300 -9.65 -12.81 -3.34
C TRP A 300 -9.54 -14.12 -2.67
N ILE A 301 -10.62 -14.86 -2.43
CA ILE A 301 -10.57 -15.99 -1.48
C ILE A 301 -9.45 -16.95 -1.90
N ASP A 302 -9.33 -17.29 -3.18
CA ASP A 302 -8.24 -18.17 -3.66
CA ASP A 302 -8.28 -18.21 -3.56
C ASP A 302 -6.87 -17.66 -3.30
N TYR A 303 -6.67 -16.37 -3.43
CA TYR A 303 -5.39 -15.76 -3.13
C TYR A 303 -5.11 -15.88 -1.61
N GLY A 304 -6.15 -15.60 -0.80
CA GLY A 304 -5.96 -15.69 0.63
C GLY A 304 -5.59 -17.08 1.08
N LYS A 305 -6.13 -18.13 0.45
CA LYS A 305 -5.81 -19.49 0.77
C LYS A 305 -4.40 -19.81 0.46
N MET A 306 -3.79 -19.13 -0.49
CA MET A 306 -2.45 -19.49 -0.96
C MET A 306 -1.44 -18.52 -0.47
N ALA A 307 -1.76 -17.45 0.26
CA ALA A 307 -0.81 -16.40 0.62
C ALA A 307 0.30 -16.94 1.46
N SER A 308 1.51 -16.55 1.15
N SER A 308 1.52 -16.49 1.20
CA SER A 308 2.71 -17.06 1.80
CA SER A 308 2.68 -16.87 2.03
C SER A 308 2.99 -16.21 3.06
C SER A 308 2.51 -16.19 3.34
N GLN A 309 3.21 -16.83 4.26
CA GLN A 309 3.22 -16.15 5.52
C GLN A 309 4.60 -16.07 6.16
N CYS A 310 4.80 -14.97 6.88
CA CYS A 310 5.93 -14.82 7.75
C CYS A 310 5.64 -15.35 9.14
N SER A 311 6.45 -16.24 9.61
CA SER A 311 6.27 -16.79 10.94
CA SER A 311 6.28 -16.76 10.95
C SER A 311 7.57 -16.60 11.75
N CYS A 312 8.50 -15.73 11.32
CA CYS A 312 9.80 -15.61 12.02
C CYS A 312 9.73 -14.63 13.14
N GLY A 313 8.63 -13.93 13.30
CA GLY A 313 8.49 -12.90 14.32
C GLY A 313 8.45 -11.44 13.83
N GLU A 314 9.22 -11.19 12.80
CA GLU A 314 9.40 -9.84 12.36
C GLU A 314 8.18 -9.14 11.94
N ALA A 315 7.41 -9.76 11.07
CA ALA A 315 6.20 -9.16 10.65
C ALA A 315 5.36 -9.30 11.88
N ARG A 316 4.45 -8.41 12.06
CA ARG A 316 3.49 -8.48 13.11
C ARG A 316 2.31 -7.70 12.63
N VAL A 317 1.13 -8.24 12.86
CA VAL A 317 -0.06 -7.65 12.34
C VAL A 317 -1.27 -7.65 13.22
N THR A 318 -2.26 -6.90 12.73
CA THR A 318 -3.54 -6.66 13.36
C THR A 318 -4.14 -7.99 13.73
N PHE A 319 -4.77 -8.08 14.89
CA PHE A 319 -5.29 -9.35 15.33
C PHE A 319 -6.31 -9.78 14.31
N SER A 320 -6.84 -8.90 13.46
CA SER A 320 -7.86 -9.28 12.49
C SER A 320 -7.28 -10.31 11.53
N MET A 321 -6.00 -10.18 11.27
CA MET A 321 -5.44 -11.31 10.32
CA MET A 321 -5.55 -11.36 10.37
C MET A 321 -5.61 -12.85 10.96
N ASP A 322 -5.73 -12.94 12.28
CA ASP A 322 -5.80 -14.24 12.90
C ASP A 322 -6.94 -15.07 12.35
N ALA A 323 -8.15 -14.55 12.24
CA ALA A 323 -9.19 -15.34 11.75
C ALA A 323 -8.98 -15.75 10.31
N PHE A 324 -8.37 -14.86 9.52
CA PHE A 324 -8.17 -15.20 8.10
CA PHE A 324 -8.15 -15.24 8.11
C PHE A 324 -7.22 -16.41 7.95
N VAL A 325 -6.16 -16.42 8.72
CA VAL A 325 -5.21 -17.55 8.70
C VAL A 325 -5.92 -18.80 9.20
N ARG A 326 -6.63 -18.63 10.35
CA ARG A 326 -7.25 -19.76 11.05
C ARG A 326 -8.20 -20.49 10.12
N ILE A 327 -9.03 -19.75 9.36
CA ILE A 327 -10.07 -20.34 8.53
C ILE A 327 -9.46 -20.77 7.20
N LEU A 328 -8.69 -19.88 6.53
CA LEU A 328 -8.21 -20.17 5.16
C LEU A 328 -6.99 -21.05 5.10
N GLN A 329 -6.22 -21.06 6.16
N GLN A 329 -6.16 -21.02 6.13
CA GLN A 329 -4.90 -21.70 6.19
CA GLN A 329 -4.92 -21.79 6.13
C GLN A 329 -4.68 -22.54 7.42
C GLN A 329 -4.74 -22.47 7.45
N PRO A 330 -5.62 -23.45 7.77
CA PRO A 330 -5.51 -24.15 9.06
C PRO A 330 -4.21 -24.88 9.25
N GLU A 331 -3.61 -25.45 8.20
CA GLU A 331 -2.35 -26.16 8.41
CA GLU A 331 -2.32 -26.20 8.35
C GLU A 331 -1.23 -25.21 8.85
N ARG A 332 -1.26 -23.96 8.43
CA ARG A 332 -0.23 -22.99 8.74
C ARG A 332 -0.47 -22.19 9.94
N TYR A 333 -1.65 -22.32 10.55
CA TYR A 333 -2.06 -21.46 11.63
C TYR A 333 -1.20 -21.51 12.85
N ASP A 334 -0.94 -22.71 13.33
CA ASP A 334 -0.16 -22.86 14.58
C ASP A 334 1.23 -22.22 14.47
N LEU A 335 1.90 -22.45 13.38
CA LEU A 335 3.22 -21.84 13.20
C LEU A 335 3.15 -20.33 13.02
N TRP A 336 2.17 -19.83 12.29
CA TRP A 336 2.04 -18.39 12.15
C TRP A 336 1.77 -17.76 13.50
N LYS A 337 0.90 -18.41 14.29
CA LYS A 337 0.47 -17.88 15.59
C LYS A 337 1.69 -17.84 16.52
N ARG A 338 2.57 -18.85 16.42
CA ARG A 338 3.84 -18.87 17.24
C ARG A 338 4.65 -17.60 16.88
N GLY A 339 4.64 -17.18 15.60
CA GLY A 339 5.37 -16.00 15.16
C GLY A 339 4.80 -14.67 15.58
N GLN A 340 3.53 -14.67 15.92
CA GLN A 340 2.91 -13.52 16.47
C GLN A 340 3.11 -13.56 18.02
N ASP A 341 3.60 -14.67 18.56
CA ASP A 341 3.82 -14.91 20.01
C ASP A 341 2.60 -15.41 20.76
#